data_3P3G
#
_entry.id   3P3G
#
_cell.length_a   106.725
_cell.length_b   106.725
_cell.length_c   52.684
_cell.angle_alpha   90.000
_cell.angle_beta   90.000
_cell.angle_gamma   120.000
#
_symmetry.space_group_name_H-M   'P 61'
#
loop_
_entity.id
_entity.type
_entity.pdbx_description
1 polymer 'UDP-3-O-[3-hydroxymyristoyl] N-acetylglucosamine deacetylase'
2 non-polymer 'ZINC ION'
3 non-polymer N-[(1S,2R)-2-hydroxy-1-(hydroxycarbamoyl)propyl]-4-(4-phenylbuta-1,3-diyn-1-yl)benzamide
4 non-polymer 'SULFATE ION'
5 non-polymer 'DIMETHYL SULFOXIDE'
6 non-polymer 4-ethynyl-N-[(1S,2R)-2-hydroxy-1-(oxocarbamoyl)propyl]benzamide
7 water water
#
_entity_poly.entity_id   1
_entity_poly.type   'polypeptide(L)'
_entity_poly.pdbx_seq_one_letter_code
;MIKQRTLKRIVQATGVGLHTGKKVTLTLRPAPANTGVIYRRTDLNPPVDFPADAKSVRDTMLCTCLVNEHDVRISTVEHL
NAALAGLGIDNIVIEVNAPEIPIMDGSAAPFVYLLLDAGIDELNCAKKFVRIKETVRVEDGDKWAEFKPYNGFSLDFTID
FNHPAIDSSNQRYAMNFSADAFMRQISRARTFGFMRDIEYLQSRGLCLGGSFDCAIVVDDYRVLNEDGLRFEDEFVRHKM
LDAIGDLFMCGHNIIGAFTAYKSGHALNNKLLQAVLAKQEAWEYVTFQDDAELPLAFKAP
;
_entity_poly.pdbx_strand_id   A
#
# COMPACT_ATOMS: atom_id res chain seq x y z
N MET A 1 10.21 -21.36 14.32
CA MET A 1 9.74 -19.98 14.60
C MET A 1 9.64 -19.19 13.30
N ILE A 2 8.49 -18.56 13.07
CA ILE A 2 8.33 -17.68 11.92
C ILE A 2 9.10 -16.38 12.18
N LYS A 3 10.13 -16.15 11.39
CA LYS A 3 11.05 -15.06 11.56
C LYS A 3 10.79 -13.76 10.80
N GLN A 4 11.22 -12.64 11.34
CA GLN A 4 11.13 -11.38 10.61
C GLN A 4 12.02 -11.45 9.39
N ARG A 5 11.69 -10.66 8.38
CA ARG A 5 12.42 -10.62 7.15
C ARG A 5 12.90 -9.22 6.75
N THR A 6 14.09 -9.15 6.15
CA THR A 6 14.55 -7.91 5.56
C THR A 6 15.15 -8.28 4.20
N LEU A 7 15.81 -7.33 3.54
CA LEU A 7 16.44 -7.59 2.25
C LEU A 7 17.83 -8.19 2.43
N LYS A 8 18.31 -8.92 1.42
CA LYS A 8 19.69 -9.43 1.41
C LYS A 8 20.69 -8.36 0.97
N ARG A 9 20.29 -7.52 0.02
CA ARG A 9 21.22 -6.54 -0.55
C ARG A 9 20.52 -5.24 -0.88
N ILE A 10 21.32 -4.19 -0.99
CA ILE A 10 20.87 -2.89 -1.44
C ILE A 10 20.55 -2.91 -2.94
N VAL A 11 19.39 -2.37 -3.32
CA VAL A 11 19.04 -2.25 -4.74
C VAL A 11 18.53 -0.84 -5.01
N GLN A 12 18.57 -0.43 -6.27
CA GLN A 12 18.09 0.90 -6.67
C GLN A 12 17.29 0.84 -7.94
N ALA A 13 16.37 1.79 -8.09
CA ALA A 13 15.64 1.99 -9.34
C ALA A 13 15.44 3.49 -9.54
N THR A 14 15.16 3.91 -10.76
CA THR A 14 14.82 5.32 -10.99
C THR A 14 13.46 5.38 -11.67
N GLY A 15 12.74 6.48 -11.43
CA GLY A 15 11.48 6.69 -12.12
C GLY A 15 11.04 8.13 -11.86
N VAL A 16 9.99 8.60 -12.50
CA VAL A 16 9.56 9.97 -12.27
C VAL A 16 8.63 10.09 -11.07
N GLY A 17 8.68 11.23 -10.39
CA GLY A 17 7.74 11.52 -9.31
C GLY A 17 6.40 11.99 -9.89
N LEU A 18 5.30 11.46 -9.36
CA LEU A 18 3.98 11.89 -9.81
C LEU A 18 3.81 13.40 -9.65
N HIS A 19 4.27 13.93 -8.52
CA HIS A 19 4.07 15.35 -8.21
C HIS A 19 5.02 16.22 -9.04
N THR A 20 6.31 15.92 -8.96
CA THR A 20 7.33 16.80 -9.52
C THR A 20 7.60 16.61 -11.00
N GLY A 21 7.34 15.40 -11.50
CA GLY A 21 7.69 15.05 -12.86
C GLY A 21 9.18 14.93 -13.09
N LYS A 22 9.94 14.93 -12.00
CA LYS A 22 11.40 14.79 -12.08
C LYS A 22 11.85 13.38 -11.76
N LYS A 23 13.06 13.03 -12.20
CA LYS A 23 13.63 11.71 -11.96
C LYS A 23 13.98 11.54 -10.49
N VAL A 24 13.45 10.48 -9.89
CA VAL A 24 13.69 10.14 -8.50
C VAL A 24 14.47 8.84 -8.46
N THR A 25 15.51 8.79 -7.63
CA THR A 25 16.25 7.56 -7.40
C THR A 25 15.80 6.95 -6.09
N LEU A 26 15.35 5.70 -6.17
CA LEU A 26 14.83 4.94 -5.05
C LEU A 26 15.84 3.89 -4.64
N THR A 27 16.26 3.92 -3.37
CA THR A 27 17.23 2.93 -2.88
C THR A 27 16.58 2.12 -1.76
N LEU A 28 16.60 0.80 -1.86
CA LEU A 28 16.06 -0.05 -0.81
C LEU A 28 17.21 -0.73 -0.07
N ARG A 29 17.20 -0.66 1.25
CA ARG A 29 18.29 -1.16 2.08
C ARG A 29 17.84 -2.19 3.12
N PRO A 30 18.67 -3.22 3.34
CA PRO A 30 18.42 -4.09 4.49
C PRO A 30 18.42 -3.31 5.80
N ALA A 31 17.76 -3.85 6.82
CA ALA A 31 17.73 -3.21 8.13
C ALA A 31 17.57 -4.29 9.19
N PRO A 32 17.99 -3.99 10.43
CA PRO A 32 17.96 -5.06 11.43
C PRO A 32 16.58 -5.31 12.03
N ALA A 33 16.51 -6.38 12.84
CA ALA A 33 15.26 -6.80 13.44
C ALA A 33 14.60 -5.69 14.24
N ASN A 34 13.27 -5.67 14.21
CA ASN A 34 12.45 -4.78 15.01
C ASN A 34 12.46 -3.32 14.60
N THR A 35 13.31 -2.93 13.65
CA THR A 35 13.43 -1.51 13.29
C THR A 35 12.27 -1.06 12.40
N GLY A 36 11.61 -2.01 11.73
CA GLY A 36 10.40 -1.73 10.99
C GLY A 36 10.66 -1.12 9.61
N VAL A 37 9.63 -0.50 9.05
CA VAL A 37 9.71 0.16 7.75
C VAL A 37 9.99 1.63 7.95
N ILE A 38 11.08 2.09 7.36
CA ILE A 38 11.44 3.46 7.43
C ILE A 38 11.56 4.10 6.07
N TYR A 39 10.84 5.16 5.82
CA TYR A 39 11.00 5.92 4.58
C TYR A 39 11.95 7.07 4.88
N ARG A 40 12.81 7.43 3.94
CA ARG A 40 13.84 8.42 4.24
C ARG A 40 14.03 9.33 3.04
N ARG A 41 13.98 10.64 3.26
CA ARG A 41 14.31 11.60 2.23
C ARG A 41 15.78 11.97 2.35
N THR A 42 16.50 11.87 1.23
CA THR A 42 17.91 12.26 1.20
C THR A 42 18.15 13.46 0.27
N ASP A 43 17.08 14.05 -0.24
CA ASP A 43 17.23 15.36 -0.88
C ASP A 43 17.56 16.39 0.19
N LEU A 44 16.76 16.37 1.26
CA LEU A 44 17.02 17.19 2.45
C LEU A 44 18.35 16.83 3.11
N ASN A 45 19.02 17.84 3.62
CA ASN A 45 20.28 17.69 4.31
C ASN A 45 20.22 18.47 5.60
N PRO A 46 20.28 17.76 6.73
CA PRO A 46 20.41 16.30 6.85
C PRO A 46 19.18 15.53 6.39
N PRO A 47 19.36 14.24 6.06
CA PRO A 47 18.22 13.42 5.64
C PRO A 47 17.19 13.29 6.76
N VAL A 48 15.96 13.00 6.37
CA VAL A 48 14.85 12.90 7.32
C VAL A 48 14.20 11.53 7.25
N ASP A 49 14.01 10.91 8.41
CA ASP A 49 13.42 9.58 8.49
C ASP A 49 11.95 9.69 8.84
N PHE A 50 11.13 8.84 8.21
CA PHE A 50 9.71 8.78 8.46
C PHE A 50 9.33 7.33 8.75
N PRO A 51 9.32 6.94 10.03
CA PRO A 51 8.90 5.57 10.29
C PRO A 51 7.45 5.38 9.86
N ALA A 52 7.15 4.25 9.31
CA ALA A 52 5.80 4.03 8.91
C ALA A 52 5.03 3.71 10.17
N ASP A 53 4.02 4.50 10.40
CA ASP A 53 3.20 4.38 11.59
C ASP A 53 1.83 4.94 11.23
N ALA A 54 0.77 4.32 11.72
CA ALA A 54 -0.57 4.72 11.30
C ALA A 54 -0.86 6.18 11.62
N LYS A 55 -0.26 6.68 12.69
CA LYS A 55 -0.60 8.02 13.15
C LYS A 55 0.05 9.08 12.27
N SER A 56 1.01 8.67 11.45
CA SER A 56 1.81 9.62 10.70
C SER A 56 1.27 9.81 9.29
N VAL A 57 0.21 9.10 8.95
CA VAL A 57 -0.32 9.11 7.59
C VAL A 57 -1.20 10.32 7.38
N ARG A 58 -1.20 10.84 6.18
CA ARG A 58 -2.15 11.81 5.75
C ARG A 58 -2.66 11.41 4.35
N ASP A 59 -3.95 11.55 4.13
CA ASP A 59 -4.53 11.30 2.81
C ASP A 59 -4.54 12.61 2.04
N THR A 60 -3.49 12.81 1.25
CA THR A 60 -3.32 14.04 0.48
C THR A 60 -4.15 13.95 -0.81
N MET A 61 -4.26 15.04 -1.56
CA MET A 61 -5.13 15.04 -2.74
C MET A 61 -4.71 13.93 -3.70
N LEU A 62 -3.40 13.81 -3.94
CA LEU A 62 -2.84 12.70 -4.70
C LEU A 62 -2.26 11.65 -3.75
N CYS A 63 -2.76 10.42 -3.81
CA CYS A 63 -2.10 9.31 -3.12
C CYS A 63 -2.06 9.60 -1.64
N THR A 64 -1.01 9.16 -0.93
CA THR A 64 -0.92 9.46 0.50
C THR A 64 0.48 9.97 0.85
N CYS A 65 0.66 10.36 2.11
CA CYS A 65 2.00 10.75 2.55
C CYS A 65 2.19 10.42 4.02
N LEU A 66 3.44 10.45 4.47
CA LEU A 66 3.78 10.37 5.87
C LEU A 66 4.33 11.73 6.26
N VAL A 67 4.05 12.19 7.47
CA VAL A 67 4.60 13.45 7.95
C VAL A 67 5.46 13.25 9.20
N ASN A 68 6.44 14.13 9.38
CA ASN A 68 7.17 14.16 10.65
C ASN A 68 6.63 15.25 11.58
N GLU A 69 7.29 15.47 12.71
CA GLU A 69 6.81 16.38 13.74
C GLU A 69 6.72 17.82 13.25
N HIS A 70 7.48 18.14 12.20
CA HIS A 70 7.51 19.49 11.66
C HIS A 70 6.66 19.63 10.39
N ASP A 71 5.88 18.60 10.10
CA ASP A 71 5.01 18.55 8.93
C ASP A 71 5.76 18.52 7.62
N VAL A 72 7.03 18.14 7.67
CA VAL A 72 7.74 17.75 6.45
C VAL A 72 7.14 16.42 5.99
N ARG A 73 7.04 16.21 4.70
CA ARG A 73 6.38 15.03 4.20
C ARG A 73 7.15 14.19 3.23
N ILE A 74 6.80 12.93 3.11
CA ILE A 74 7.26 12.07 2.05
C ILE A 74 5.98 11.48 1.42
N SER A 75 5.85 11.55 0.10
CA SER A 75 4.59 11.21 -0.54
C SER A 75 4.63 9.97 -1.42
N THR A 76 3.43 9.47 -1.72
CA THR A 76 3.23 8.34 -2.64
C THR A 76 3.88 7.07 -2.13
N VAL A 77 3.69 6.79 -0.83
CA VAL A 77 4.35 5.63 -0.22
C VAL A 77 3.51 4.36 -0.35
N GLU A 78 2.23 4.48 -0.68
CA GLU A 78 1.31 3.35 -0.41
C GLU A 78 1.43 2.16 -1.38
N HIS A 79 1.86 2.40 -2.62
CA HIS A 79 1.95 1.27 -3.56
C HIS A 79 3.18 0.41 -3.25
N LEU A 80 4.30 1.07 -2.95
CA LEU A 80 5.47 0.35 -2.49
C LEU A 80 5.13 -0.34 -1.16
N ASN A 81 4.40 0.37 -0.30
CA ASN A 81 4.08 -0.23 0.99
C ASN A 81 3.25 -1.51 0.81
N ALA A 82 2.35 -1.53 -0.16
CA ALA A 82 1.56 -2.74 -0.43
C ALA A 82 2.45 -3.88 -0.91
N ALA A 83 3.45 -3.57 -1.74
CA ALA A 83 4.40 -4.59 -2.15
C ALA A 83 5.21 -5.16 -0.97
N LEU A 84 5.58 -4.32 -0.01
CA LEU A 84 6.24 -4.84 1.21
C LEU A 84 5.34 -5.87 1.91
N ALA A 85 4.06 -5.55 2.07
CA ALA A 85 3.12 -6.49 2.67
C ALA A 85 3.03 -7.75 1.83
N GLY A 86 2.93 -7.59 0.52
CA GLY A 86 2.79 -8.75 -0.37
C GLY A 86 3.94 -9.73 -0.24
N LEU A 87 5.17 -9.22 -0.13
CA LEU A 87 6.34 -10.09 -0.09
C LEU A 87 6.82 -10.38 1.32
N GLY A 88 6.10 -9.88 2.31
CA GLY A 88 6.38 -10.20 3.69
C GLY A 88 7.68 -9.58 4.19
N ILE A 89 7.91 -8.33 3.81
CA ILE A 89 9.09 -7.60 4.32
C ILE A 89 8.73 -6.85 5.60
N ASP A 90 9.50 -7.07 6.66
CA ASP A 90 9.21 -6.46 7.97
C ASP A 90 10.10 -5.28 8.27
N ASN A 91 11.39 -5.39 7.93
CA ASN A 91 12.34 -4.33 8.26
C ASN A 91 13.05 -3.88 7.01
N ILE A 92 13.07 -2.58 6.75
CA ILE A 92 13.64 -2.06 5.52
C ILE A 92 13.80 -0.55 5.66
N VAL A 93 14.85 -0.01 5.05
CA VAL A 93 14.99 1.44 4.88
C VAL A 93 14.81 1.77 3.40
N ILE A 94 13.90 2.70 3.13
CA ILE A 94 13.54 3.07 1.76
C ILE A 94 13.94 4.52 1.58
N GLU A 95 14.91 4.80 0.73
CA GLU A 95 15.36 6.16 0.51
C GLU A 95 15.00 6.71 -0.82
N VAL A 96 14.61 7.98 -0.86
CA VAL A 96 14.50 8.68 -2.13
C VAL A 96 15.20 10.04 -2.03
N ASN A 97 15.85 10.43 -3.12
CA ASN A 97 16.50 11.73 -3.21
C ASN A 97 15.49 12.76 -3.69
N ALA A 98 14.29 12.74 -3.13
CA ALA A 98 13.18 13.55 -3.58
C ALA A 98 12.08 13.48 -2.54
N PRO A 99 11.01 14.24 -2.74
CA PRO A 99 9.92 14.29 -1.76
C PRO A 99 8.92 13.16 -1.91
N GLU A 100 9.14 12.25 -2.86
CA GLU A 100 8.13 11.23 -3.14
C GLU A 100 8.78 9.97 -3.69
N ILE A 101 8.09 8.85 -3.51
CA ILE A 101 8.45 7.60 -4.18
C ILE A 101 8.05 7.73 -5.67
N PRO A 102 8.87 7.19 -6.58
CA PRO A 102 8.50 7.27 -8.00
C PRO A 102 7.18 6.53 -8.26
N ILE A 103 6.36 7.04 -9.18
CA ILE A 103 5.05 6.45 -9.43
C ILE A 103 5.12 5.16 -10.27
N MET A 104 6.21 5.00 -11.03
CA MET A 104 6.42 3.83 -11.88
C MET A 104 5.23 3.68 -12.85
N ASP A 105 4.63 2.51 -12.98
CA ASP A 105 3.53 2.36 -13.93
C ASP A 105 2.16 2.58 -13.28
N GLY A 106 2.15 3.09 -12.05
CA GLY A 106 0.91 3.31 -11.34
C GLY A 106 0.50 2.14 -10.47
N SER A 107 1.22 1.02 -10.56
CA SER A 107 0.86 -0.20 -9.80
C SER A 107 1.94 -0.55 -8.79
N ALA A 108 1.85 -1.74 -8.20
CA ALA A 108 2.92 -2.19 -7.30
C ALA A 108 3.90 -3.13 -7.98
N ALA A 109 3.61 -3.55 -9.20
CA ALA A 109 4.38 -4.63 -9.81
C ALA A 109 5.87 -4.28 -10.00
N PRO A 110 6.18 -3.04 -10.40
CA PRO A 110 7.63 -2.78 -10.55
C PRO A 110 8.37 -2.93 -9.24
N PHE A 111 7.71 -2.67 -8.12
CA PHE A 111 8.36 -2.85 -6.82
C PHE A 111 8.53 -4.31 -6.45
N VAL A 112 7.63 -5.15 -6.94
CA VAL A 112 7.75 -6.58 -6.71
C VAL A 112 9.08 -7.07 -7.30
N TYR A 113 9.38 -6.68 -8.55
CA TYR A 113 10.61 -7.13 -9.18
C TYR A 113 11.83 -6.56 -8.47
N LEU A 114 11.74 -5.30 -8.03
CA LEU A 114 12.86 -4.67 -7.35
C LEU A 114 13.17 -5.40 -6.03
N LEU A 115 12.12 -5.76 -5.31
CA LEU A 115 12.28 -6.47 -4.04
C LEU A 115 12.82 -7.89 -4.27
N LEU A 116 12.37 -8.55 -5.32
CA LEU A 116 12.93 -9.87 -5.65
C LEU A 116 14.44 -9.76 -5.95
N ASP A 117 14.85 -8.68 -6.63
CA ASP A 117 16.26 -8.44 -6.90
C ASP A 117 17.04 -8.34 -5.61
N ALA A 118 16.41 -7.80 -4.57
CA ALA A 118 17.10 -7.51 -3.30
C ALA A 118 17.22 -8.75 -2.42
N GLY A 119 16.36 -9.73 -2.66
CA GLY A 119 16.41 -10.99 -1.96
C GLY A 119 15.85 -10.89 -0.55
N ILE A 120 15.77 -12.03 0.11
CA ILE A 120 15.31 -12.12 1.50
C ILE A 120 16.37 -12.60 2.47
N ASP A 121 16.43 -11.93 3.61
CA ASP A 121 17.27 -12.37 4.71
C ASP A 121 16.33 -12.58 5.88
N GLU A 122 16.25 -13.81 6.36
CA GLU A 122 15.49 -14.08 7.56
C GLU A 122 16.33 -13.71 8.77
N LEU A 123 15.74 -12.99 9.70
CA LEU A 123 16.40 -12.56 10.89
C LEU A 123 15.97 -13.43 12.05
N ASN A 124 16.82 -13.59 13.04
CA ASN A 124 16.52 -14.47 14.17
C ASN A 124 15.73 -13.75 15.25
N CYS A 125 14.51 -13.37 14.92
CA CYS A 125 13.60 -12.73 15.84
C CYS A 125 12.18 -12.97 15.36
N ALA A 126 11.28 -13.33 16.27
CA ALA A 126 9.92 -13.69 15.92
C ALA A 126 9.22 -12.54 15.20
N LYS A 127 8.56 -12.86 14.10
CA LYS A 127 7.70 -11.92 13.40
C LYS A 127 6.40 -11.79 14.18
N LYS A 128 5.99 -10.56 14.49
CA LYS A 128 4.77 -10.35 15.26
C LYS A 128 3.62 -10.00 14.31
N PHE A 129 2.46 -10.61 14.55
CA PHE A 129 1.24 -10.35 13.80
C PHE A 129 0.24 -9.68 14.72
N VAL A 130 -0.59 -8.82 14.14
CA VAL A 130 -1.68 -8.22 14.88
C VAL A 130 -2.94 -9.06 14.68
N ARG A 131 -3.36 -9.77 15.72
CA ARG A 131 -4.53 -10.63 15.63
C ARG A 131 -5.77 -9.89 16.12
N ILE A 132 -6.75 -9.71 15.22
CA ILE A 132 -8.04 -9.12 15.57
C ILE A 132 -8.80 -10.08 16.48
N LYS A 133 -9.27 -9.61 17.61
CA LYS A 133 -10.04 -10.48 18.50
C LYS A 133 -11.38 -9.87 18.93
N GLU A 134 -11.67 -8.67 18.46
CA GLU A 134 -12.96 -8.04 18.63
C GLU A 134 -13.33 -7.38 17.30
N THR A 135 -14.61 -7.32 16.96
CA THR A 135 -15.03 -6.58 15.78
C THR A 135 -14.87 -5.09 16.01
N VAL A 136 -14.30 -4.41 15.01
CA VAL A 136 -14.08 -2.97 15.08
C VAL A 136 -14.56 -2.36 13.77
N ARG A 137 -15.39 -1.33 13.88
CA ARG A 137 -15.99 -0.73 12.70
C ARG A 137 -15.85 0.79 12.76
N VAL A 138 -15.56 1.41 11.62
CA VAL A 138 -15.56 2.86 11.52
C VAL A 138 -16.40 3.29 10.34
N GLU A 139 -16.87 4.54 10.38
CA GLU A 139 -17.78 5.03 9.36
C GLU A 139 -17.50 6.47 8.97
N ASP A 140 -17.89 6.80 7.74
CA ASP A 140 -17.86 8.17 7.26
C ASP A 140 -19.11 8.36 6.41
N GLY A 141 -20.18 8.82 7.03
CA GLY A 141 -21.47 8.90 6.37
C GLY A 141 -21.96 7.53 5.95
N ASP A 142 -22.01 7.33 4.66
CA ASP A 142 -22.46 6.10 4.04
C ASP A 142 -21.36 5.07 3.81
N LYS A 143 -20.14 5.52 4.00
CA LYS A 143 -18.97 4.65 3.86
C LYS A 143 -18.68 3.96 5.18
N TRP A 144 -18.09 2.78 5.12
CA TRP A 144 -17.65 2.10 6.34
C TRP A 144 -16.50 1.13 6.06
N ALA A 145 -15.74 0.82 7.11
CA ALA A 145 -14.73 -0.22 7.03
C ALA A 145 -14.74 -0.95 8.37
N GLU A 146 -14.50 -2.26 8.33
CA GLU A 146 -14.49 -3.03 9.56
C GLU A 146 -13.50 -4.17 9.51
N PHE A 147 -13.00 -4.55 10.67
CA PHE A 147 -12.21 -5.74 10.85
C PHE A 147 -12.97 -6.67 11.79
N LYS A 148 -13.01 -7.94 11.46
CA LYS A 148 -13.65 -8.93 12.33
C LYS A 148 -12.66 -10.06 12.61
N PRO A 149 -12.85 -10.75 13.75
CA PRO A 149 -11.95 -11.88 14.03
C PRO A 149 -12.07 -12.94 12.95
N TYR A 150 -10.93 -13.48 12.55
CA TYR A 150 -10.86 -14.45 11.47
C TYR A 150 -9.44 -15.00 11.43
N ASN A 151 -9.29 -16.31 11.39
CA ASN A 151 -7.97 -16.92 11.39
C ASN A 151 -7.42 -16.99 9.98
N GLY A 152 -7.00 -15.84 9.48
CA GLY A 152 -6.48 -15.70 8.13
C GLY A 152 -6.41 -14.22 7.83
N PHE A 153 -6.31 -13.86 6.55
CA PHE A 153 -6.41 -12.46 6.16
C PHE A 153 -7.26 -12.41 4.90
N SER A 154 -8.44 -11.82 5.00
CA SER A 154 -9.30 -11.66 3.84
C SER A 154 -9.72 -10.23 3.68
N LEU A 155 -9.97 -9.84 2.44
CA LEU A 155 -10.33 -8.48 2.10
C LEU A 155 -11.55 -8.53 1.19
N ASP A 156 -12.57 -7.76 1.55
CA ASP A 156 -13.80 -7.73 0.78
C ASP A 156 -14.11 -6.27 0.54
N PHE A 157 -13.77 -5.83 -0.65
CA PHE A 157 -13.85 -4.45 -1.02
C PHE A 157 -14.88 -4.14 -2.08
N THR A 158 -15.86 -3.33 -1.72
CA THR A 158 -16.76 -2.76 -2.71
C THR A 158 -16.46 -1.28 -2.96
N ILE A 159 -16.32 -0.90 -4.22
CA ILE A 159 -16.25 0.51 -4.62
C ILE A 159 -17.61 0.94 -5.18
N ASP A 160 -17.90 2.23 -5.13
CA ASP A 160 -19.19 2.72 -5.60
C ASP A 160 -19.01 3.74 -6.71
N PHE A 161 -18.72 3.25 -7.90
CA PHE A 161 -18.50 4.11 -9.02
C PHE A 161 -19.68 4.25 -9.95
N ASN A 162 -19.84 5.46 -10.46
CA ASN A 162 -20.96 5.70 -11.34
C ASN A 162 -20.44 6.18 -12.68
N HIS A 163 -19.19 5.81 -12.94
CA HIS A 163 -18.57 6.09 -14.20
C HIS A 163 -18.96 5.08 -15.26
N PRO A 164 -19.21 5.51 -16.47
CA PRO A 164 -19.61 4.55 -17.49
C PRO A 164 -18.60 3.46 -17.82
N ALA A 165 -17.35 3.74 -17.58
CA ALA A 165 -16.27 2.79 -17.90
C ALA A 165 -16.11 1.73 -16.82
N ILE A 166 -16.95 1.79 -15.80
CA ILE A 166 -16.90 0.83 -14.70
C ILE A 166 -18.27 0.17 -14.50
N ASP A 167 -18.41 -1.09 -14.91
CA ASP A 167 -19.70 -1.77 -14.88
C ASP A 167 -20.03 -2.31 -13.47
N SER A 168 -21.32 -2.58 -13.25
CA SER A 168 -21.79 -3.05 -11.95
C SER A 168 -21.13 -4.37 -11.56
N SER A 169 -20.95 -5.26 -12.54
CA SER A 169 -20.28 -6.53 -12.28
C SER A 169 -18.80 -6.32 -11.97
N ASN A 170 -18.36 -5.07 -11.97
CA ASN A 170 -16.94 -4.76 -11.73
C ASN A 170 -16.71 -3.81 -10.54
N GLN A 171 -17.63 -3.83 -9.59
CA GLN A 171 -17.60 -2.83 -8.51
C GLN A 171 -17.15 -3.40 -7.17
N ARG A 172 -17.09 -4.72 -7.06
CA ARG A 172 -16.66 -5.36 -5.83
C ARG A 172 -15.56 -6.36 -6.13
N TYR A 173 -14.64 -6.51 -5.18
CA TYR A 173 -13.60 -7.52 -5.28
C TYR A 173 -13.32 -8.09 -3.88
N ALA A 174 -13.06 -9.39 -3.81
CA ALA A 174 -12.81 -10.07 -2.55
C ALA A 174 -11.77 -11.16 -2.76
N MET A 175 -10.89 -11.33 -1.78
CA MET A 175 -9.80 -12.27 -1.94
C MET A 175 -9.33 -12.77 -0.58
N ASN A 176 -8.81 -13.99 -0.56
CA ASN A 176 -8.00 -14.42 0.56
C ASN A 176 -6.58 -14.00 0.25
N PHE A 177 -5.99 -13.21 1.14
CA PHE A 177 -4.65 -12.68 0.90
C PHE A 177 -3.62 -13.81 0.91
N SER A 178 -2.63 -13.68 0.03
CA SER A 178 -1.39 -14.44 0.12
C SER A 178 -0.38 -13.73 -0.76
N ALA A 179 0.89 -14.09 -0.61
CA ALA A 179 1.94 -13.48 -1.42
C ALA A 179 1.67 -13.75 -2.90
N ASP A 180 1.38 -15.01 -3.23
CA ASP A 180 1.12 -15.37 -4.61
C ASP A 180 -0.11 -14.63 -5.16
N ALA A 181 -1.20 -14.58 -4.40
CA ALA A 181 -2.41 -13.92 -4.85
C ALA A 181 -2.17 -12.42 -5.01
N PHE A 182 -1.45 -11.82 -4.06
CA PHE A 182 -1.15 -10.41 -4.21
C PHE A 182 -0.37 -10.18 -5.50
N MET A 183 0.67 -10.98 -5.72
CA MET A 183 1.52 -10.78 -6.89
C MET A 183 0.73 -10.93 -8.20
N ARG A 184 -0.09 -11.97 -8.30
CA ARG A 184 -0.75 -12.28 -9.56
C ARG A 184 -2.08 -11.55 -9.81
N GLN A 185 -2.84 -11.32 -8.75
N GLN A 185 -2.87 -11.35 -8.76
CA GLN A 185 -4.18 -10.77 -8.88
CA GLN A 185 -4.18 -10.74 -8.88
C GLN A 185 -4.25 -9.27 -8.62
C GLN A 185 -4.16 -9.22 -8.73
N ILE A 186 -3.34 -8.75 -7.79
CA ILE A 186 -3.43 -7.35 -7.36
C ILE A 186 -2.29 -6.43 -7.84
N SER A 187 -1.06 -6.93 -7.84
CA SER A 187 0.09 -6.02 -7.92
C SER A 187 0.13 -5.23 -9.23
N ARG A 188 -0.37 -5.78 -10.33
CA ARG A 188 -0.31 -5.04 -11.59
C ARG A 188 -1.47 -4.06 -11.80
N ALA A 189 -2.40 -3.98 -10.85
CA ALA A 189 -3.56 -3.09 -11.05
C ALA A 189 -3.14 -1.65 -10.80
N ARG A 190 -3.32 -0.82 -11.81
CA ARG A 190 -2.85 0.56 -11.81
C ARG A 190 -3.82 1.53 -11.14
N THR A 191 -3.25 2.62 -10.62
CA THR A 191 -4.04 3.74 -10.15
C THR A 191 -4.78 4.38 -11.32
N PHE A 192 -5.71 5.25 -11.00
CA PHE A 192 -6.57 5.84 -11.99
C PHE A 192 -6.95 7.27 -11.64
N GLY A 193 -7.34 8.03 -12.66
CA GLY A 193 -7.71 9.43 -12.51
C GLY A 193 -8.61 9.97 -13.62
N PHE A 194 -9.24 11.10 -13.34
CA PHE A 194 -10.10 11.81 -14.25
C PHE A 194 -9.30 12.83 -15.03
N MET A 195 -9.33 12.74 -16.34
CA MET A 195 -8.44 13.54 -17.17
C MET A 195 -8.59 15.04 -16.93
N ARG A 196 -9.81 15.55 -16.87
CA ARG A 196 -10.02 16.99 -16.70
C ARG A 196 -9.35 17.47 -15.41
N ASP A 197 -9.42 16.66 -14.35
CA ASP A 197 -8.83 17.02 -13.06
C ASP A 197 -7.32 17.03 -13.19
N ILE A 198 -6.79 16.03 -13.86
CA ILE A 198 -5.37 15.96 -14.06
C ILE A 198 -4.87 17.15 -14.87
N GLU A 199 -5.61 17.52 -15.88
CA GLU A 199 -5.31 18.65 -16.71
C GLU A 199 -5.30 19.90 -15.88
N TYR A 200 -6.25 20.02 -14.98
CA TYR A 200 -6.33 21.19 -14.13
C TYR A 200 -5.11 21.26 -13.24
N LEU A 201 -4.73 20.13 -12.66
CA LEU A 201 -3.59 20.11 -11.74
C LEU A 201 -2.32 20.47 -12.48
N GLN A 202 -2.14 19.92 -13.67
CA GLN A 202 -0.93 20.17 -14.43
C GLN A 202 -0.89 21.63 -14.86
N SER A 203 -2.05 22.25 -15.01
CA SER A 203 -2.12 23.68 -15.36
C SER A 203 -1.73 24.55 -14.16
N ARG A 204 -1.69 23.96 -12.97
CA ARG A 204 -1.27 24.68 -11.77
C ARG A 204 0.12 24.20 -11.31
N GLY A 205 0.85 23.50 -12.16
CA GLY A 205 2.20 23.04 -11.82
C GLY A 205 2.24 21.83 -10.90
N LEU A 206 1.14 21.09 -10.85
CA LEU A 206 1.05 19.89 -9.99
C LEU A 206 0.84 18.64 -10.84
N CYS A 207 1.03 17.48 -10.21
CA CYS A 207 0.83 16.21 -10.88
C CYS A 207 1.61 16.17 -12.19
N LEU A 208 2.81 16.73 -12.19
CA LEU A 208 3.57 16.90 -13.44
C LEU A 208 4.15 15.60 -13.99
N GLY A 209 4.23 14.57 -13.15
CA GLY A 209 4.68 13.26 -13.61
C GLY A 209 3.55 12.39 -14.15
N GLY A 210 2.33 12.90 -14.10
CA GLY A 210 1.21 12.18 -14.68
C GLY A 210 1.39 11.91 -16.17
N SER A 211 1.10 10.67 -16.60
CA SER A 211 1.11 10.29 -18.00
C SER A 211 0.30 9.01 -18.18
N PHE A 212 0.03 8.63 -19.42
CA PHE A 212 -0.65 7.37 -19.68
C PHE A 212 0.20 6.22 -19.16
N ASP A 213 1.52 6.45 -19.04
CA ASP A 213 2.41 5.38 -18.59
C ASP A 213 2.34 5.10 -17.10
N CYS A 214 1.64 5.94 -16.33
CA CYS A 214 1.58 5.72 -14.88
C CYS A 214 0.18 5.68 -14.30
N ALA A 215 -0.85 5.71 -15.15
CA ALA A 215 -2.22 5.66 -14.65
C ALA A 215 -3.22 5.32 -15.74
N ILE A 216 -4.33 4.76 -15.34
CA ILE A 216 -5.50 4.64 -16.15
C ILE A 216 -6.13 6.04 -16.08
N VAL A 217 -6.43 6.60 -17.23
CA VAL A 217 -7.06 7.90 -17.27
C VAL A 217 -8.38 7.81 -18.02
N VAL A 218 -9.44 8.31 -17.41
CA VAL A 218 -10.73 8.30 -18.08
C VAL A 218 -11.17 9.72 -18.34
N ASP A 219 -11.96 9.93 -19.40
CA ASP A 219 -12.70 11.18 -19.52
C ASP A 219 -14.08 10.94 -18.94
N ASP A 220 -15.09 11.70 -19.33
CA ASP A 220 -16.43 11.47 -18.79
C ASP A 220 -16.97 10.09 -19.17
N TYR A 221 -16.45 9.51 -20.26
CA TYR A 221 -17.15 8.39 -20.92
C TYR A 221 -16.34 7.10 -21.04
N ARG A 222 -15.03 7.21 -21.14
CA ARG A 222 -14.23 6.02 -21.43
C ARG A 222 -12.79 6.09 -20.97
N VAL A 223 -12.16 4.93 -20.88
CA VAL A 223 -10.73 4.81 -20.64
C VAL A 223 -10.00 5.32 -21.87
N LEU A 224 -9.06 6.23 -21.66
CA LEU A 224 -8.33 6.84 -22.77
C LEU A 224 -7.09 6.06 -23.17
N ASN A 225 -6.51 5.29 -22.24
CA ASN A 225 -5.30 4.53 -22.54
C ASN A 225 -5.54 3.63 -23.73
N GLU A 226 -4.63 3.70 -24.70
CA GLU A 226 -4.77 2.98 -25.95
C GLU A 226 -5.03 1.48 -25.74
N ASP A 227 -4.33 0.87 -24.80
CA ASP A 227 -4.42 -0.58 -24.62
C ASP A 227 -5.55 -1.02 -23.68
N GLY A 228 -6.26 -0.06 -23.09
CA GLY A 228 -7.38 -0.38 -22.22
C GLY A 228 -6.90 -0.87 -20.86
N LEU A 229 -7.68 -1.78 -20.27
CA LEU A 229 -7.44 -2.24 -18.90
C LEU A 229 -6.70 -3.59 -18.85
N ARG A 230 -5.87 -3.75 -17.82
CA ARG A 230 -5.17 -5.00 -17.58
C ARG A 230 -6.11 -6.07 -17.02
N PHE A 231 -7.19 -5.61 -16.39
CA PHE A 231 -8.22 -6.49 -15.83
C PHE A 231 -9.55 -5.79 -16.03
N GLU A 232 -10.62 -6.54 -16.27
CA GLU A 232 -11.91 -5.91 -16.45
C GLU A 232 -12.30 -5.08 -15.22
N ASP A 233 -11.83 -5.52 -14.06
CA ASP A 233 -12.13 -4.85 -12.79
C ASP A 233 -10.86 -4.25 -12.19
N GLU A 234 -10.04 -3.67 -13.05
CA GLU A 234 -8.77 -3.10 -12.58
C GLU A 234 -8.96 -2.03 -11.51
N PHE A 235 -10.00 -1.21 -11.63
CA PHE A 235 -10.17 -0.09 -10.70
C PHE A 235 -10.31 -0.62 -9.27
N VAL A 236 -11.22 -1.56 -9.06
CA VAL A 236 -11.43 -2.09 -7.71
C VAL A 236 -10.23 -2.93 -7.22
N ARG A 237 -9.55 -3.61 -8.14
CA ARG A 237 -8.32 -4.32 -7.76
C ARG A 237 -7.31 -3.31 -7.27
N HIS A 238 -7.26 -2.14 -7.91
CA HIS A 238 -6.30 -1.16 -7.45
C HIS A 238 -6.68 -0.63 -6.07
N LYS A 239 -7.97 -0.44 -5.82
CA LYS A 239 -8.36 0.03 -4.50
C LYS A 239 -8.08 -1.02 -3.42
N MET A 240 -8.08 -2.30 -3.79
CA MET A 240 -7.66 -3.33 -2.84
C MET A 240 -6.15 -3.26 -2.60
N LEU A 241 -5.38 -3.01 -3.67
CA LEU A 241 -3.94 -2.77 -3.54
C LEU A 241 -3.70 -1.63 -2.54
N ASP A 242 -4.42 -0.53 -2.72
CA ASP A 242 -4.34 0.62 -1.81
C ASP A 242 -4.70 0.22 -0.37
N ALA A 243 -5.75 -0.57 -0.17
CA ALA A 243 -6.15 -0.99 1.19
C ALA A 243 -5.02 -1.79 1.85
N ILE A 244 -4.42 -2.71 1.10
CA ILE A 244 -3.31 -3.49 1.61
C ILE A 244 -2.14 -2.56 2.03
N GLY A 245 -1.82 -1.57 1.21
CA GLY A 245 -0.76 -0.63 1.55
C GLY A 245 -1.13 0.23 2.75
N ASP A 246 -2.38 0.69 2.81
CA ASP A 246 -2.90 1.50 3.93
C ASP A 246 -2.79 0.73 5.23
N LEU A 247 -3.24 -0.51 5.21
CA LEU A 247 -3.25 -1.33 6.43
C LEU A 247 -1.84 -1.67 6.91
N PHE A 248 -0.89 -1.82 6.00
CA PHE A 248 0.46 -2.19 6.39
C PHE A 248 1.24 -0.96 6.90
N MET A 249 0.58 0.20 6.97
CA MET A 249 1.26 1.35 7.56
C MET A 249 1.60 1.10 9.03
N CYS A 250 0.99 0.10 9.66
CA CYS A 250 1.34 -0.23 11.04
C CYS A 250 2.62 -1.09 11.10
N GLY A 251 3.05 -1.59 9.95
CA GLY A 251 4.29 -2.37 9.87
C GLY A 251 4.11 -3.83 10.27
N HIS A 252 2.87 -4.24 10.45
CA HIS A 252 2.57 -5.62 10.81
C HIS A 252 1.45 -6.17 9.95
N ASN A 253 1.57 -7.44 9.60
CA ASN A 253 0.46 -8.16 9.00
C ASN A 253 -0.64 -8.39 10.03
N ILE A 254 -1.89 -8.31 9.56
CA ILE A 254 -3.05 -8.42 10.43
C ILE A 254 -3.78 -9.72 10.13
N ILE A 255 -4.04 -10.49 11.18
CA ILE A 255 -4.85 -11.69 11.08
C ILE A 255 -6.30 -11.32 11.41
N GLY A 256 -7.11 -11.17 10.38
CA GLY A 256 -8.52 -10.82 10.56
C GLY A 256 -9.22 -10.72 9.22
N ALA A 257 -10.50 -10.36 9.27
CA ALA A 257 -11.35 -10.21 8.09
C ALA A 257 -11.66 -8.74 7.85
N PHE A 258 -11.16 -8.20 6.74
CA PHE A 258 -11.35 -6.80 6.37
C PHE A 258 -12.50 -6.68 5.37
N THR A 259 -13.46 -5.82 5.69
CA THR A 259 -14.55 -5.50 4.76
C THR A 259 -14.72 -4.00 4.70
N ALA A 260 -14.87 -3.47 3.50
CA ALA A 260 -15.04 -2.05 3.33
C ALA A 260 -16.02 -1.71 2.23
N TYR A 261 -16.74 -0.63 2.41
CA TYR A 261 -17.69 -0.15 1.41
C TYR A 261 -17.42 1.32 1.08
N LYS A 262 -17.02 1.58 -0.17
CA LYS A 262 -16.67 2.93 -0.60
C LYS A 262 -15.58 3.53 0.27
N SER A 263 -14.70 2.67 0.78
CA SER A 263 -13.62 3.14 1.64
C SER A 263 -12.49 3.69 0.77
N GLY A 264 -11.55 4.36 1.43
CA GLY A 264 -10.37 4.89 0.77
C GLY A 264 -9.30 5.11 1.81
N HIS A 265 -8.26 5.85 1.48
CA HIS A 265 -7.11 5.99 2.38
C HIS A 265 -7.50 6.49 3.77
N ALA A 266 -8.29 7.55 3.83
CA ALA A 266 -8.66 8.16 5.10
C ALA A 266 -9.43 7.19 6.01
N LEU A 267 -10.43 6.52 5.45
CA LEU A 267 -11.26 5.61 6.25
C LEU A 267 -10.49 4.36 6.63
N ASN A 268 -9.63 3.88 5.73
CA ASN A 268 -8.83 2.69 6.01
C ASN A 268 -7.88 2.99 7.17
N ASN A 269 -7.28 4.17 7.14
CA ASN A 269 -6.37 4.58 8.19
C ASN A 269 -7.17 4.79 9.49
N LYS A 270 -8.39 5.30 9.36
CA LYS A 270 -9.23 5.51 10.54
C LYS A 270 -9.49 4.16 11.22
N LEU A 271 -9.71 3.13 10.42
CA LEU A 271 -9.96 1.80 10.96
C LEU A 271 -8.71 1.27 11.66
N LEU A 272 -7.58 1.35 10.96
CA LEU A 272 -6.32 0.90 11.51
C LEU A 272 -6.05 1.52 12.88
N GLN A 273 -6.21 2.83 12.99
CA GLN A 273 -5.96 3.52 14.25
C GLN A 273 -6.98 3.13 15.33
N ALA A 274 -8.22 2.94 14.93
CA ALA A 274 -9.28 2.52 15.87
C ALA A 274 -8.95 1.16 16.48
N VAL A 275 -8.55 0.22 15.63
CA VAL A 275 -8.17 -1.11 16.12
C VAL A 275 -7.02 -0.97 17.11
N LEU A 276 -5.96 -0.30 16.71
CA LEU A 276 -4.76 -0.23 17.53
C LEU A 276 -4.99 0.51 18.84
N ALA A 277 -5.94 1.43 18.85
CA ALA A 277 -6.20 2.25 20.05
C ALA A 277 -6.96 1.43 21.09
N LYS A 278 -7.72 0.44 20.62
CA LYS A 278 -8.54 -0.39 21.51
C LYS A 278 -7.74 -1.60 21.97
N GLN A 279 -7.12 -1.48 23.14
CA GLN A 279 -6.16 -2.48 23.61
C GLN A 279 -6.72 -3.90 23.59
N GLU A 280 -8.02 -4.04 23.79
CA GLU A 280 -8.63 -5.37 23.87
C GLU A 280 -9.18 -5.88 22.55
N ALA A 281 -9.15 -5.04 21.53
CA ALA A 281 -9.60 -5.44 20.22
C ALA A 281 -8.60 -6.25 19.44
N TRP A 282 -7.39 -6.33 19.94
CA TRP A 282 -6.30 -7.00 19.23
C TRP A 282 -5.20 -7.46 20.17
N GLU A 283 -4.31 -8.31 19.66
CA GLU A 283 -3.14 -8.74 20.41
C GLU A 283 -2.02 -9.11 19.43
N TYR A 284 -0.77 -8.96 19.86
CA TYR A 284 0.34 -9.49 19.09
C TYR A 284 0.38 -10.99 19.26
N VAL A 285 0.63 -11.70 18.17
CA VAL A 285 0.88 -13.13 18.25
C VAL A 285 2.12 -13.46 17.43
N THR A 286 2.85 -14.46 17.88
CA THR A 286 3.97 -15.00 17.12
C THR A 286 3.71 -16.48 16.91
N PHE A 287 4.50 -17.07 16.05
CA PHE A 287 4.37 -18.48 15.73
C PHE A 287 5.71 -19.17 15.96
N GLN A 288 5.92 -19.65 17.18
CA GLN A 288 7.11 -20.45 17.45
C GLN A 288 6.98 -21.69 16.58
N ASP A 289 5.76 -22.21 16.54
CA ASP A 289 5.43 -23.33 15.68
C ASP A 289 5.01 -22.83 14.30
N ASP A 290 5.88 -23.03 13.32
CA ASP A 290 5.62 -22.60 11.94
C ASP A 290 4.27 -23.05 11.40
N ALA A 291 3.84 -24.25 11.81
CA ALA A 291 2.64 -24.86 11.24
C ALA A 291 1.37 -24.12 11.62
N GLU A 292 1.44 -23.30 12.68
CA GLU A 292 0.28 -22.58 13.16
C GLU A 292 0.00 -21.37 12.30
N LEU A 293 1.00 -20.97 11.52
CA LEU A 293 0.91 -19.78 10.68
C LEU A 293 -0.22 -19.87 9.68
N PRO A 294 -1.12 -18.86 9.64
CA PRO A 294 -2.22 -18.92 8.70
C PRO A 294 -1.73 -18.95 7.25
N LEU A 295 -2.44 -19.68 6.41
CA LEU A 295 -2.06 -19.83 5.00
C LEU A 295 -1.74 -18.49 4.37
N ALA A 296 -2.54 -17.48 4.70
CA ALA A 296 -2.41 -16.17 4.08
C ALA A 296 -1.00 -15.60 4.18
N PHE A 297 -0.25 -15.98 5.20
CA PHE A 297 1.05 -15.33 5.42
C PHE A 297 2.26 -16.23 5.21
N LYS A 298 2.05 -17.37 4.56
CA LYS A 298 3.18 -18.20 4.12
C LYS A 298 4.06 -17.44 3.14
N ALA A 299 5.36 -17.74 3.16
CA ALA A 299 6.33 -17.08 2.28
C ALA A 299 5.93 -17.15 0.80
N PRO A 300 6.39 -16.18 0.00
CA PRO A 300 6.08 -16.12 -1.43
C PRO A 300 6.62 -17.33 -2.19
#